data_3NK7
#
_entry.id   3NK7
#
_cell.length_a   63.651
_cell.length_b   69.211
_cell.length_c   64.444
_cell.angle_alpha   90.00
_cell.angle_beta   117.56
_cell.angle_gamma   90.00
#
_symmetry.space_group_name_H-M   'P 1 21 1'
#
loop_
_entity.id
_entity.type
_entity.pdbx_description
1 polymer '23S rRNA methyltransferase'
2 non-polymer S-ADENOSYLMETHIONINE
3 water water
#
_entity_poly.entity_id   1
_entity_poly.type   'polypeptide(L)'
_entity_poly.pdbx_seq_one_letter_code
;SEFMTEPAIITNASDPAVQRIIDVTKHSRASIKTTLIEDTEPLMECIRAGVQFIEVYGSSGTPLDPALLDLCRQREIPVR
LIDVSIVNQLFKAERKAKVFGIARVPRPARLADIAERGGDVVVLDGVKIVGNIGAIVRTSLALGAAGIVLVDSDLATIAD
RRLLRASRGYVFSLPVVLADREEAVSFLRDNDIALMVLDTDGDLGVKDLGDRADRMALVFGSEKGGPSGLFQEASAGTVS
IPMLSSTESLNVSVSVGIALHERSARNFAVRRAAAQA
;
_entity_poly.pdbx_strand_id   A,B
#
loop_
_chem_comp.id
_chem_comp.type
_chem_comp.name
_chem_comp.formula
SAM non-polymer S-ADENOSYLMETHIONINE 'C15 H22 N6 O5 S'
#
# COMPACT_ATOMS: atom_id res chain seq x y z
N MET A 4 -42.09 -14.66 16.53
CA MET A 4 -41.19 -13.76 15.81
C MET A 4 -41.82 -13.02 14.63
N THR A 5 -42.65 -13.71 13.84
CA THR A 5 -43.29 -13.06 12.71
C THR A 5 -42.21 -12.33 11.90
N GLU A 6 -41.03 -12.94 11.82
CA GLU A 6 -39.90 -12.33 11.13
C GLU A 6 -40.21 -12.02 9.66
N PRO A 7 -39.91 -10.79 9.20
CA PRO A 7 -40.32 -10.41 7.85
C PRO A 7 -40.16 -11.49 6.78
N ALA A 8 -41.27 -11.82 6.13
CA ALA A 8 -41.31 -12.85 5.10
C ALA A 8 -40.20 -12.74 4.03
N ILE A 9 -39.79 -11.52 3.68
CA ILE A 9 -38.87 -11.38 2.54
C ILE A 9 -37.46 -11.90 2.81
N ILE A 10 -37.12 -12.06 4.09
CA ILE A 10 -35.75 -12.44 4.43
C ILE A 10 -35.49 -13.92 4.18
N THR A 11 -34.46 -14.20 3.38
CA THR A 11 -34.05 -15.57 3.11
C THR A 11 -33.57 -16.24 4.40
N ASN A 12 -34.31 -17.27 4.82
CA ASN A 12 -34.13 -17.90 6.14
C ASN A 12 -33.48 -19.27 6.14
N ALA A 13 -33.88 -20.11 5.20
CA ALA A 13 -33.38 -21.48 5.16
C ALA A 13 -31.94 -21.38 4.70
N SER A 14 -31.09 -22.26 5.21
CA SER A 14 -29.69 -22.27 4.80
C SER A 14 -29.56 -22.95 3.44
N ASP A 15 -30.61 -23.68 3.05
CA ASP A 15 -30.62 -24.41 1.79
C ASP A 15 -31.52 -23.86 0.66
N PRO A 16 -31.98 -22.60 0.74
CA PRO A 16 -32.65 -22.09 -0.46
C PRO A 16 -31.68 -22.19 -1.60
N ALA A 17 -32.18 -22.39 -2.81
CA ALA A 17 -31.35 -22.35 -4.00
C ALA A 17 -30.30 -21.24 -3.91
N VAL A 18 -30.73 -20.02 -3.61
CA VAL A 18 -29.81 -18.87 -3.62
C VAL A 18 -28.69 -18.98 -2.58
N GLN A 19 -29.04 -19.36 -1.37
CA GLN A 19 -28.01 -19.61 -0.36
C GLN A 19 -26.98 -20.59 -0.93
N ARG A 20 -27.48 -21.76 -1.34
CA ARG A 20 -26.62 -22.81 -1.86
C ARG A 20 -25.93 -22.36 -3.13
N ILE A 21 -26.59 -21.55 -3.96
CA ILE A 21 -25.93 -21.03 -5.14
C ILE A 21 -24.73 -20.18 -4.71
N ILE A 22 -24.89 -19.50 -3.57
CA ILE A 22 -23.82 -18.63 -3.07
C ILE A 22 -22.70 -19.49 -2.47
N ASP A 23 -23.07 -20.58 -1.80
CA ASP A 23 -22.06 -21.55 -1.37
C ASP A 23 -21.26 -22.00 -2.58
N VAL A 24 -21.98 -22.29 -3.65
CA VAL A 24 -21.43 -22.79 -4.90
C VAL A 24 -20.23 -21.98 -5.41
N THR A 25 -20.38 -20.67 -5.56
CA THR A 25 -19.22 -19.88 -5.99
C THR A 25 -18.12 -20.03 -4.95
N LYS A 26 -18.47 -19.84 -3.68
CA LYS A 26 -17.52 -19.94 -2.58
C LYS A 26 -16.69 -21.23 -2.61
N HIS A 27 -17.37 -22.36 -2.80
CA HIS A 27 -16.72 -23.67 -2.84
C HIS A 27 -16.13 -23.95 -4.22
N SER A 28 -16.20 -22.97 -5.12
CA SER A 28 -15.65 -23.09 -6.47
C SER A 28 -16.02 -24.42 -7.14
N ILE A 32 -20.35 -21.97 -12.57
CA ILE A 32 -20.30 -21.13 -13.78
C ILE A 32 -19.07 -20.24 -13.71
N LYS A 33 -18.92 -19.36 -14.70
CA LYS A 33 -17.89 -18.33 -14.65
C LYS A 33 -18.46 -17.13 -13.88
N THR A 34 -18.64 -17.29 -12.56
CA THR A 34 -19.23 -16.22 -11.75
C THR A 34 -18.48 -15.98 -10.46
N THR A 35 -18.43 -14.73 -10.03
CA THR A 35 -17.74 -14.35 -8.81
C THR A 35 -18.67 -13.74 -7.78
N LEU A 36 -18.18 -13.71 -6.55
CA LEU A 36 -18.79 -12.96 -5.47
C LEU A 36 -18.06 -11.62 -5.40
N ILE A 37 -18.79 -10.52 -5.33
CA ILE A 37 -18.19 -9.18 -5.17
C ILE A 37 -18.76 -8.51 -3.92
N GLU A 38 -17.91 -7.99 -3.05
CA GLU A 38 -18.33 -7.53 -1.73
C GLU A 38 -18.25 -6.03 -1.52
N ASP A 39 -19.15 -5.51 -0.68
CA ASP A 39 -19.13 -4.13 -0.18
C ASP A 39 -19.75 -3.15 -1.14
N THR A 40 -20.27 -2.07 -0.57
CA THR A 40 -21.08 -1.15 -1.35
C THR A 40 -20.35 -0.52 -2.52
N GLU A 41 -19.16 0.01 -2.27
CA GLU A 41 -18.38 0.72 -3.29
C GLU A 41 -17.89 -0.16 -4.43
N PRO A 42 -17.28 -1.30 -4.06
CA PRO A 42 -16.83 -2.18 -5.13
C PRO A 42 -18.02 -2.61 -5.97
N LEU A 43 -19.16 -2.92 -5.32
CA LEU A 43 -20.34 -3.31 -6.08
C LEU A 43 -20.74 -2.18 -7.04
N MET A 44 -20.65 -0.95 -6.58
CA MET A 44 -21.05 0.17 -7.43
C MET A 44 -20.07 0.45 -8.58
N GLU A 45 -18.78 0.28 -8.33
CA GLU A 45 -17.79 0.43 -9.41
C GLU A 45 -17.97 -0.68 -10.44
N CYS A 46 -18.17 -1.91 -9.97
CA CYS A 46 -18.41 -3.03 -10.88
C CYS A 46 -19.65 -2.86 -11.77
N ILE A 47 -20.75 -2.43 -11.19
CA ILE A 47 -21.98 -2.21 -11.96
C ILE A 47 -21.69 -1.11 -12.98
N ARG A 48 -21.04 -0.04 -12.52
CA ARG A 48 -20.68 1.07 -13.39
C ARG A 48 -19.81 0.61 -14.58
N ALA A 49 -18.82 -0.23 -14.30
CA ALA A 49 -17.90 -0.74 -15.32
C ALA A 49 -18.58 -1.71 -16.27
N GLY A 50 -19.81 -2.10 -15.93
CA GLY A 50 -20.62 -2.88 -16.86
C GLY A 50 -20.62 -4.36 -16.59
N VAL A 51 -20.13 -4.75 -15.42
CA VAL A 51 -20.11 -6.16 -15.06
C VAL A 51 -21.56 -6.55 -14.91
N GLN A 52 -21.91 -7.75 -15.38
CA GLN A 52 -23.32 -8.20 -15.26
C GLN A 52 -23.55 -9.04 -14.01
N PHE A 53 -24.51 -8.59 -13.21
CA PHE A 53 -24.86 -9.23 -11.95
C PHE A 53 -26.11 -10.11 -12.04
N ILE A 54 -26.12 -11.20 -11.27
CA ILE A 54 -27.26 -12.09 -11.22
C ILE A 54 -28.17 -11.65 -10.07
N GLU A 55 -27.57 -11.13 -9.02
CA GLU A 55 -28.30 -10.78 -7.82
C GLU A 55 -27.39 -10.13 -6.79
N VAL A 56 -27.98 -9.20 -6.05
CA VAL A 56 -27.31 -8.53 -4.94
C VAL A 56 -28.01 -8.86 -3.63
N TYR A 57 -27.24 -9.09 -2.58
CA TYR A 57 -27.78 -9.47 -1.28
C TYR A 57 -27.26 -8.58 -0.17
N GLY A 58 -28.11 -8.33 0.82
CA GLY A 58 -27.70 -7.66 2.04
C GLY A 58 -28.15 -8.47 3.24
N SER A 59 -27.43 -8.34 4.36
CA SER A 59 -27.89 -8.93 5.60
C SER A 59 -29.13 -8.22 6.15
N SER A 60 -30.08 -9.00 6.62
CA SER A 60 -31.20 -8.42 7.35
C SER A 60 -30.64 -7.68 8.55
N GLY A 61 -31.27 -6.57 8.90
CA GLY A 61 -30.83 -5.78 10.04
C GLY A 61 -30.12 -4.50 9.67
N THR A 62 -29.59 -4.42 8.46
CA THR A 62 -28.87 -3.20 8.05
C THR A 62 -29.39 -2.62 6.73
N PRO A 63 -29.43 -1.28 6.66
CA PRO A 63 -29.87 -0.59 5.45
C PRO A 63 -28.98 -0.96 4.28
N LEU A 64 -29.59 -1.20 3.13
CA LEU A 64 -28.81 -1.24 1.89
C LEU A 64 -28.62 0.19 1.43
N ASP A 65 -27.45 0.51 0.92
CA ASP A 65 -27.23 1.86 0.43
C ASP A 65 -28.27 2.31 -0.60
N PRO A 66 -28.88 3.47 -0.34
CA PRO A 66 -29.88 4.01 -1.26
C PRO A 66 -29.36 4.12 -2.70
N ALA A 67 -28.13 4.61 -2.86
CA ALA A 67 -27.49 4.70 -4.17
C ALA A 67 -27.40 3.34 -4.88
N LEU A 68 -26.96 2.33 -4.14
CA LEU A 68 -26.89 0.96 -4.67
C LEU A 68 -28.26 0.41 -5.09
N LEU A 69 -29.22 0.53 -4.17
CA LEU A 69 -30.61 0.15 -4.47
C LEU A 69 -31.09 0.86 -5.73
N ASP A 70 -31.03 2.18 -5.72
CA ASP A 70 -31.36 2.92 -6.92
C ASP A 70 -30.70 2.29 -8.14
N LEU A 71 -29.38 2.16 -8.08
CA LEU A 71 -28.60 1.60 -9.19
C LEU A 71 -29.12 0.21 -9.56
N CYS A 72 -29.45 -0.57 -8.55
CA CYS A 72 -29.93 -1.92 -8.82
C CYS A 72 -31.30 -1.93 -9.48
N ARG A 73 -32.13 -0.93 -9.18
CA ARG A 73 -33.40 -0.78 -9.90
C ARG A 73 -33.10 -0.16 -11.26
N GLN A 74 -32.17 0.78 -11.30
CA GLN A 74 -31.71 1.37 -12.56
C GLN A 74 -31.29 0.29 -13.57
N ARG A 75 -30.27 -0.50 -13.24
CA ARG A 75 -30.04 -1.73 -14.01
C ARG A 75 -31.10 -2.65 -13.46
N GLU A 76 -31.43 -3.74 -14.14
CA GLU A 76 -32.50 -4.56 -13.60
C GLU A 76 -31.95 -5.63 -12.66
N ILE A 77 -31.20 -5.20 -11.63
CA ILE A 77 -30.55 -6.14 -10.70
C ILE A 77 -31.36 -6.39 -9.43
N PRO A 78 -31.93 -7.58 -9.33
CA PRO A 78 -32.71 -8.07 -8.18
C PRO A 78 -31.87 -7.99 -6.91
N VAL A 79 -32.51 -7.52 -5.84
CA VAL A 79 -31.87 -7.42 -4.55
C VAL A 79 -32.71 -8.25 -3.59
N ARG A 80 -32.08 -8.90 -2.63
CA ARG A 80 -32.83 -9.61 -1.62
C ARG A 80 -32.07 -9.62 -0.31
N LEU A 81 -32.76 -9.90 0.79
CA LEU A 81 -32.03 -9.90 2.05
C LEU A 81 -31.93 -11.31 2.62
N ILE A 82 -30.85 -11.59 3.31
CA ILE A 82 -30.61 -12.90 3.86
C ILE A 82 -30.39 -12.70 5.33
N ASP A 83 -31.10 -13.46 6.17
CA ASP A 83 -30.96 -13.27 7.62
C ASP A 83 -29.49 -13.24 7.97
N VAL A 84 -29.12 -12.31 8.83
CA VAL A 84 -27.73 -12.07 9.23
C VAL A 84 -26.98 -13.33 9.65
N SER A 85 -27.63 -14.21 10.39
CA SER A 85 -26.97 -15.42 10.86
C SER A 85 -26.28 -16.17 9.71
N ILE A 86 -27.02 -16.39 8.63
CA ILE A 86 -26.47 -17.11 7.48
C ILE A 86 -25.31 -16.37 6.83
N VAL A 87 -25.52 -15.08 6.57
CA VAL A 87 -24.50 -14.29 5.89
C VAL A 87 -23.12 -14.50 6.53
N ASN A 88 -23.09 -14.97 7.78
CA ASN A 88 -21.86 -15.54 8.31
C ASN A 88 -21.56 -16.88 7.63
N GLN A 89 -21.40 -16.74 6.32
CA GLN A 89 -20.90 -17.77 5.41
C GLN A 89 -19.79 -17.03 4.68
N LEU A 90 -19.29 -15.98 5.32
CA LEU A 90 -18.24 -15.14 4.76
C LEU A 90 -17.14 -14.91 5.81
N ALA A 97 -19.07 -9.43 5.16
CA ALA A 97 -19.85 -8.73 4.15
C ALA A 97 -21.29 -8.47 4.58
N LYS A 98 -21.70 -7.22 4.55
CA LYS A 98 -23.07 -6.86 4.86
C LYS A 98 -23.84 -6.71 3.56
N VAL A 99 -23.12 -6.46 2.48
CA VAL A 99 -23.75 -6.42 1.19
C VAL A 99 -22.80 -7.08 0.21
N PHE A 100 -23.35 -7.85 -0.71
CA PHE A 100 -22.53 -8.54 -1.70
C PHE A 100 -23.36 -8.97 -2.90
N GLY A 101 -22.66 -9.30 -3.99
CA GLY A 101 -23.32 -9.61 -5.24
C GLY A 101 -22.67 -10.78 -5.95
N ILE A 102 -23.49 -11.58 -6.61
CA ILE A 102 -22.97 -12.61 -7.48
C ILE A 102 -22.98 -12.03 -8.90
N ALA A 103 -21.80 -12.06 -9.52
CA ALA A 103 -21.59 -11.48 -10.83
C ALA A 103 -21.00 -12.51 -11.77
N ARG A 104 -21.17 -12.29 -13.06
CA ARG A 104 -20.58 -13.11 -14.09
C ARG A 104 -19.23 -12.53 -14.40
N VAL A 105 -18.22 -13.37 -14.39
CA VAL A 105 -16.85 -12.89 -14.66
C VAL A 105 -16.73 -12.45 -16.12
N PRO A 106 -16.48 -11.15 -16.37
CA PRO A 106 -16.35 -10.76 -17.78
C PRO A 106 -15.19 -11.52 -18.41
N ARG A 107 -15.16 -11.54 -19.74
CA ARG A 107 -14.12 -12.27 -20.44
C ARG A 107 -12.79 -11.54 -20.34
N PRO A 108 -11.73 -12.27 -19.97
CA PRO A 108 -10.41 -11.66 -19.72
C PRO A 108 -10.04 -10.66 -20.81
N ALA A 109 -9.63 -9.46 -20.41
CA ALA A 109 -9.14 -8.46 -21.35
C ALA A 109 -7.85 -8.98 -21.94
N ARG A 110 -7.47 -8.43 -23.08
CA ARG A 110 -6.23 -8.85 -23.69
C ARG A 110 -5.43 -7.65 -24.17
N LEU A 111 -4.15 -7.88 -24.47
CA LEU A 111 -3.21 -6.81 -24.74
C LEU A 111 -3.75 -5.77 -25.72
N ALA A 112 -4.38 -6.27 -26.78
CA ALA A 112 -4.98 -5.42 -27.82
C ALA A 112 -5.88 -4.34 -27.25
N ASP A 113 -6.76 -4.75 -26.33
CA ASP A 113 -7.67 -3.83 -25.63
C ASP A 113 -6.98 -2.60 -25.05
N ILE A 114 -5.80 -2.82 -24.46
CA ILE A 114 -4.98 -1.75 -23.93
C ILE A 114 -4.51 -0.74 -24.98
N ALA A 115 -4.06 -1.23 -26.13
CA ALA A 115 -3.51 -0.33 -27.13
C ALA A 115 -4.62 0.52 -27.71
N GLU A 116 -5.78 -0.11 -27.90
CA GLU A 116 -6.93 0.53 -28.51
C GLU A 116 -7.50 1.64 -27.64
N ARG A 117 -7.47 1.41 -26.33
CA ARG A 117 -8.01 2.36 -25.36
C ARG A 117 -7.28 3.71 -25.33
N GLY A 118 -6.01 3.73 -25.78
CA GLY A 118 -5.20 4.93 -25.75
C GLY A 118 -4.61 5.21 -24.38
N GLY A 119 -3.43 5.80 -24.35
CA GLY A 119 -2.80 6.20 -23.09
C GLY A 119 -1.76 5.25 -22.56
N ASP A 120 -1.19 5.63 -21.41
CA ASP A 120 -0.01 4.97 -20.91
C ASP A 120 -0.32 3.56 -20.46
N VAL A 121 0.64 2.66 -20.67
CA VAL A 121 0.54 1.29 -20.20
C VAL A 121 1.39 1.14 -18.94
N VAL A 122 0.79 0.62 -17.89
CA VAL A 122 1.51 0.21 -16.68
C VAL A 122 1.90 -1.28 -16.79
N VAL A 123 3.19 -1.58 -16.76
CA VAL A 123 3.62 -3.00 -16.79
C VAL A 123 4.23 -3.39 -15.47
N LEU A 124 3.67 -4.41 -14.82
CA LEU A 124 4.32 -4.92 -13.64
C LEU A 124 5.11 -6.19 -14.01
N ASP A 125 6.33 -6.30 -13.48
CA ASP A 125 7.26 -7.37 -13.86
C ASP A 125 7.67 -8.08 -12.60
N GLY A 126 6.94 -9.12 -12.26
CA GLY A 126 7.26 -9.87 -11.08
C GLY A 126 6.73 -9.31 -9.79
N VAL A 127 5.75 -8.40 -9.89
CA VAL A 127 5.08 -7.94 -8.71
C VAL A 127 4.08 -9.04 -8.34
N LYS A 128 4.17 -9.55 -7.11
CA LYS A 128 3.40 -10.73 -6.75
C LYS A 128 2.51 -10.52 -5.55
N ILE A 129 2.82 -9.50 -4.73
CA ILE A 129 1.97 -9.23 -3.56
C ILE A 129 0.62 -8.62 -4.01
N VAL A 130 -0.46 -9.37 -3.78
CA VAL A 130 -1.76 -9.02 -4.33
C VAL A 130 -2.31 -7.71 -3.79
N GLY A 131 -2.04 -7.38 -2.53
CA GLY A 131 -2.34 -6.05 -2.04
C GLY A 131 -1.66 -4.95 -2.89
N ASN A 132 -0.43 -5.19 -3.31
CA ASN A 132 0.27 -4.24 -4.14
C ASN A 132 -0.42 -4.19 -5.47
N ILE A 133 -0.71 -5.35 -6.05
CA ILE A 133 -1.36 -5.39 -7.36
C ILE A 133 -2.72 -4.67 -7.37
N GLY A 134 -3.52 -4.93 -6.35
CA GLY A 134 -4.82 -4.28 -6.25
C GLY A 134 -4.73 -2.78 -6.10
N ALA A 135 -3.86 -2.32 -5.21
CA ALA A 135 -3.67 -0.88 -5.06
C ALA A 135 -3.26 -0.23 -6.39
N ILE A 136 -2.38 -0.90 -7.14
CA ILE A 136 -1.92 -0.39 -8.42
C ILE A 136 -3.03 -0.33 -9.46
N VAL A 137 -3.93 -1.30 -9.44
CA VAL A 137 -5.07 -1.32 -10.37
C VAL A 137 -5.92 -0.08 -10.16
N ARG A 138 -6.13 0.21 -8.89
CA ARG A 138 -6.97 1.30 -8.47
C ARG A 138 -6.34 2.66 -8.83
N THR A 139 -5.06 2.81 -8.54
CA THR A 139 -4.31 4.00 -8.94
C THR A 139 -4.32 4.20 -10.45
N SER A 140 -4.01 3.14 -11.20
CA SER A 140 -3.96 3.19 -12.66
C SER A 140 -5.30 3.65 -13.24
N LEU A 141 -6.41 3.17 -12.68
CA LEU A 141 -7.72 3.58 -13.18
C LEU A 141 -7.90 5.08 -12.85
N ALA A 142 -7.71 5.42 -11.59
CA ALA A 142 -7.94 6.76 -11.12
C ALA A 142 -7.08 7.82 -11.80
N LEU A 143 -5.85 7.46 -12.19
CA LEU A 143 -4.91 8.40 -12.79
C LEU A 143 -4.87 8.33 -14.34
N GLY A 144 -5.80 7.58 -14.92
CA GLY A 144 -6.07 7.67 -16.33
C GLY A 144 -5.19 6.79 -17.23
N ALA A 145 -4.60 5.73 -16.68
CA ALA A 145 -3.88 4.77 -17.53
C ALA A 145 -4.79 3.95 -18.47
N ALA A 146 -4.23 3.51 -19.58
CA ALA A 146 -4.97 2.74 -20.54
C ALA A 146 -5.21 1.35 -19.98
N GLY A 147 -4.26 0.83 -19.23
CA GLY A 147 -4.34 -0.54 -18.77
C GLY A 147 -3.09 -1.06 -18.10
N ILE A 148 -3.14 -2.30 -17.64
CA ILE A 148 -2.07 -2.85 -16.84
C ILE A 148 -1.70 -4.20 -17.41
N VAL A 149 -0.41 -4.40 -17.66
CA VAL A 149 0.10 -5.71 -18.05
C VAL A 149 0.79 -6.37 -16.85
N LEU A 150 0.34 -7.56 -16.48
CA LEU A 150 0.90 -8.24 -15.32
C LEU A 150 1.78 -9.40 -15.83
N VAL A 151 3.09 -9.27 -15.63
CA VAL A 151 4.05 -10.29 -16.02
C VAL A 151 4.67 -10.90 -14.77
N ASP A 152 4.57 -12.21 -14.62
CA ASP A 152 5.14 -12.87 -13.46
C ASP A 152 4.44 -12.60 -12.16
N SER A 153 3.11 -12.49 -12.17
CA SER A 153 2.41 -12.17 -10.95
C SER A 153 1.96 -13.38 -10.12
N ASP A 154 2.08 -14.56 -10.72
CA ASP A 154 1.56 -15.80 -10.13
C ASP A 154 0.07 -15.75 -9.92
N LEU A 155 -0.62 -14.89 -10.68
CA LEU A 155 -2.07 -14.89 -10.66
C LEU A 155 -2.59 -15.78 -11.78
N ALA A 156 -3.70 -16.46 -11.52
CA ALA A 156 -4.24 -17.40 -12.50
C ALA A 156 -5.25 -16.68 -13.36
N THR A 157 -5.96 -15.76 -12.70
CA THR A 157 -7.04 -15.00 -13.30
C THR A 157 -7.06 -13.65 -12.58
N ILE A 158 -7.58 -12.60 -13.21
CA ILE A 158 -7.65 -11.30 -12.50
C ILE A 158 -8.86 -11.29 -11.61
N ALA A 159 -9.75 -12.26 -11.84
CA ALA A 159 -10.98 -12.43 -11.06
C ALA A 159 -10.73 -13.07 -9.68
N ASP A 160 -9.48 -13.45 -9.40
CA ASP A 160 -9.10 -13.94 -8.09
C ASP A 160 -9.74 -13.05 -7.02
N ARG A 161 -10.44 -13.63 -6.07
CA ARG A 161 -11.12 -12.82 -5.03
C ARG A 161 -10.20 -12.00 -4.13
N ARG A 162 -8.95 -12.39 -3.97
CA ARG A 162 -8.02 -11.54 -3.23
C ARG A 162 -7.77 -10.21 -3.99
N LEU A 163 -7.67 -10.29 -5.31
CA LEU A 163 -7.44 -9.13 -6.17
C LEU A 163 -8.70 -8.27 -6.29
N LEU A 164 -9.87 -8.90 -6.39
CA LEU A 164 -11.12 -8.13 -6.32
C LEU A 164 -11.24 -7.28 -5.04
N ARG A 165 -10.91 -7.89 -3.91
CA ARG A 165 -10.90 -7.22 -2.63
C ARG A 165 -9.81 -6.14 -2.60
N ALA A 166 -8.63 -6.50 -3.02
CA ALA A 166 -7.51 -5.57 -2.96
C ALA A 166 -7.74 -4.38 -3.88
N SER A 167 -8.33 -4.59 -5.04
CA SER A 167 -8.59 -3.52 -5.99
C SER A 167 -9.88 -2.72 -5.65
N ARG A 168 -10.56 -3.12 -4.58
CA ARG A 168 -11.85 -2.50 -4.26
C ARG A 168 -12.77 -2.45 -5.47
N GLY A 169 -12.76 -3.51 -6.26
CA GLY A 169 -13.68 -3.61 -7.35
C GLY A 169 -13.25 -2.90 -8.62
N TYR A 170 -11.99 -2.49 -8.71
CA TYR A 170 -11.55 -1.74 -9.88
C TYR A 170 -10.97 -2.63 -10.99
N VAL A 171 -10.80 -3.92 -10.67
CA VAL A 171 -10.09 -4.82 -11.56
C VAL A 171 -10.77 -5.01 -12.94
N PHE A 172 -12.06 -4.71 -13.02
CA PHE A 172 -12.82 -4.80 -14.29
C PHE A 172 -13.07 -3.43 -14.92
N SER A 173 -12.54 -2.37 -14.31
CA SER A 173 -12.80 -1.03 -14.83
C SER A 173 -11.89 -0.57 -15.97
N LEU A 174 -10.70 -1.20 -16.10
CA LEU A 174 -9.83 -0.99 -17.27
C LEU A 174 -9.23 -2.37 -17.59
N PRO A 175 -8.72 -2.54 -18.81
CA PRO A 175 -8.02 -3.77 -19.21
C PRO A 175 -6.84 -4.07 -18.30
N VAL A 176 -6.91 -5.19 -17.60
CA VAL A 176 -5.77 -5.69 -16.83
C VAL A 176 -5.47 -7.07 -17.37
N VAL A 177 -4.28 -7.27 -17.92
CA VAL A 177 -3.95 -8.46 -18.72
C VAL A 177 -2.80 -9.27 -18.15
N LEU A 178 -3.01 -10.58 -18.00
CA LEU A 178 -1.90 -11.48 -17.68
C LEU A 178 -1.16 -11.79 -18.97
N ALA A 179 0.14 -11.53 -19.00
CA ALA A 179 0.96 -11.85 -20.16
C ALA A 179 2.33 -12.38 -19.75
N ASP A 180 3.06 -12.94 -20.71
CA ASP A 180 4.42 -13.42 -20.48
C ASP A 180 5.38 -12.31 -20.85
N ARG A 181 6.54 -12.34 -20.23
CA ARG A 181 7.53 -11.29 -20.39
C ARG A 181 7.79 -11.03 -21.86
N GLU A 182 7.84 -12.11 -22.62
CA GLU A 182 8.09 -12.05 -24.05
C GLU A 182 6.96 -11.43 -24.84
N GLU A 183 5.74 -11.94 -24.72
CA GLU A 183 4.64 -11.33 -25.46
C GLU A 183 4.43 -9.85 -25.09
N ALA A 184 4.72 -9.49 -23.84
CA ALA A 184 4.57 -8.10 -23.43
C ALA A 184 5.53 -7.18 -24.21
N VAL A 185 6.81 -7.52 -24.21
CA VAL A 185 7.78 -6.69 -24.92
C VAL A 185 7.39 -6.64 -26.38
N SER A 186 6.97 -7.78 -26.90
CA SER A 186 6.63 -7.92 -28.29
C SER A 186 5.47 -7.01 -28.67
N PHE A 187 4.46 -6.97 -27.80
CA PHE A 187 3.26 -6.14 -27.98
C PHE A 187 3.59 -4.67 -28.03
N LEU A 188 4.40 -4.21 -27.09
CA LEU A 188 4.81 -2.81 -27.05
C LEU A 188 5.53 -2.46 -28.35
N ARG A 189 6.44 -3.33 -28.76
CA ARG A 189 7.19 -3.12 -30.00
C ARG A 189 6.25 -2.84 -31.16
N ASP A 190 5.48 -3.83 -31.58
CA ASP A 190 4.68 -3.69 -32.78
C ASP A 190 3.46 -2.78 -32.65
N ASN A 191 3.39 -2.02 -31.55
CA ASN A 191 2.41 -0.95 -31.43
C ASN A 191 3.12 0.39 -31.37
N ASP A 192 4.44 0.29 -31.29
CA ASP A 192 5.35 1.43 -31.30
C ASP A 192 5.17 2.24 -30.03
N ILE A 193 5.00 1.52 -28.93
CA ILE A 193 4.88 2.15 -27.62
C ILE A 193 6.21 2.10 -26.92
N ALA A 194 6.91 3.23 -26.90
CA ALA A 194 8.21 3.32 -26.23
C ALA A 194 8.05 3.02 -24.76
N LEU A 195 8.91 2.17 -24.22
CA LEU A 195 8.80 1.89 -22.82
C LEU A 195 9.94 2.57 -22.08
N MET A 196 9.68 2.92 -20.82
CA MET A 196 10.74 3.40 -19.96
C MET A 196 10.69 2.61 -18.67
N VAL A 197 11.84 2.38 -18.08
CA VAL A 197 11.90 1.49 -16.92
C VAL A 197 12.15 2.30 -15.67
N LEU A 198 11.30 2.12 -14.67
CA LEU A 198 11.51 2.78 -13.37
C LEU A 198 12.63 2.13 -12.60
N ASP A 199 13.58 2.94 -12.13
CA ASP A 199 14.63 2.39 -11.32
C ASP A 199 15.35 3.49 -10.55
N THR A 200 15.91 3.14 -9.40
CA THR A 200 16.88 4.03 -8.76
C THR A 200 18.07 4.17 -9.70
N ASP A 201 18.56 5.40 -9.86
CA ASP A 201 19.72 5.66 -10.70
C ASP A 201 19.39 5.83 -12.19
N GLY A 202 18.11 5.78 -12.54
CA GLY A 202 17.67 6.07 -13.90
C GLY A 202 18.06 7.47 -14.36
N ASP A 203 18.25 7.66 -15.66
CA ASP A 203 18.73 8.96 -16.14
C ASP A 203 17.71 10.11 -16.16
N LEU A 204 16.43 9.80 -16.39
CA LEU A 204 15.41 10.83 -16.44
C LEU A 204 14.75 10.97 -15.06
N GLY A 205 14.67 12.18 -14.53
CA GLY A 205 13.93 12.40 -13.31
C GLY A 205 12.45 12.21 -13.58
N VAL A 206 11.71 11.69 -12.62
CA VAL A 206 10.31 11.37 -12.90
C VAL A 206 9.54 12.67 -13.21
N LYS A 207 10.08 13.81 -12.74
CA LYS A 207 9.41 15.07 -12.93
C LYS A 207 9.43 15.54 -14.38
N ASP A 208 10.21 14.87 -15.21
CA ASP A 208 10.29 15.20 -16.64
C ASP A 208 9.40 14.32 -17.48
N LEU A 209 8.69 13.39 -16.84
CA LEU A 209 7.92 12.39 -17.56
C LEU A 209 6.80 12.99 -18.38
N GLY A 210 6.17 14.06 -17.87
CA GLY A 210 5.06 14.69 -18.57
C GLY A 210 5.47 15.35 -19.90
N ASP A 211 6.76 15.64 -20.03
CA ASP A 211 7.23 16.34 -21.22
C ASP A 211 7.05 15.53 -22.49
N ARG A 212 7.27 14.22 -22.40
CA ARG A 212 7.10 13.36 -23.57
C ARG A 212 5.62 13.26 -23.98
N ALA A 213 5.30 13.83 -25.14
CA ALA A 213 3.92 13.93 -25.63
C ALA A 213 3.18 12.60 -25.92
N ASP A 214 3.87 11.61 -26.47
CA ASP A 214 3.17 10.39 -26.86
C ASP A 214 2.94 9.43 -25.69
N ARG A 215 2.07 8.44 -25.89
CA ARG A 215 1.76 7.47 -24.82
C ARG A 215 3.00 6.67 -24.59
N MET A 216 3.09 6.03 -23.44
CA MET A 216 4.27 5.25 -23.15
C MET A 216 3.94 4.09 -22.25
N ALA A 217 4.88 3.16 -22.17
CA ALA A 217 4.76 2.12 -21.17
C ALA A 217 5.74 2.47 -20.08
N LEU A 218 5.31 2.34 -18.83
CA LEU A 218 6.21 2.45 -17.68
C LEU A 218 6.30 1.08 -17.07
N VAL A 219 7.52 0.60 -16.85
CA VAL A 219 7.72 -0.75 -16.31
C VAL A 219 8.25 -0.73 -14.90
N PHE A 220 7.64 -1.55 -14.06
CA PHE A 220 7.95 -1.54 -12.64
C PHE A 220 8.35 -2.94 -12.22
N GLY A 221 9.38 -3.03 -11.41
CA GLY A 221 9.78 -4.32 -10.90
C GLY A 221 9.36 -4.53 -9.47
N SER A 222 9.59 -5.74 -8.98
CA SER A 222 9.20 -6.12 -7.65
C SER A 222 10.11 -5.49 -6.62
N GLU A 223 9.80 -5.73 -5.35
CA GLU A 223 10.65 -5.34 -4.23
C GLU A 223 12.11 -5.70 -4.45
N LYS A 224 12.45 -6.93 -4.12
CA LYS A 224 13.76 -7.50 -4.43
C LYS A 224 14.26 -7.15 -5.83
N GLY A 225 13.83 -7.96 -6.79
CA GLY A 225 14.48 -8.06 -8.08
C GLY A 225 14.63 -6.83 -8.96
N GLY A 226 13.58 -6.02 -9.05
CA GLY A 226 13.54 -4.99 -10.05
C GLY A 226 12.98 -5.58 -11.33
N PRO A 227 13.15 -4.87 -12.47
CA PRO A 227 12.64 -5.49 -13.71
C PRO A 227 13.74 -6.35 -14.32
N SER A 228 13.34 -7.44 -14.96
CA SER A 228 14.29 -8.34 -15.57
C SER A 228 14.99 -7.67 -16.75
N GLY A 229 15.75 -8.45 -17.49
CA GLY A 229 16.60 -7.91 -18.55
C GLY A 229 15.89 -7.69 -19.87
N LEU A 230 14.92 -8.52 -20.19
CA LEU A 230 14.17 -8.36 -21.44
C LEU A 230 13.70 -6.91 -21.63
N PHE A 231 13.04 -6.34 -20.62
CA PHE A 231 12.54 -4.94 -20.67
C PHE A 231 13.69 -3.92 -20.69
N GLN A 232 14.67 -4.16 -19.82
CA GLN A 232 15.86 -3.32 -19.70
C GLN A 232 16.59 -3.19 -21.05
N GLU A 233 16.30 -4.10 -21.97
CA GLU A 233 16.94 -4.08 -23.29
C GLU A 233 16.12 -3.32 -24.33
N ALA A 234 14.80 -3.39 -24.23
CA ALA A 234 13.94 -2.70 -25.20
C ALA A 234 13.70 -1.26 -24.78
N SER A 235 14.11 -0.94 -23.54
CA SER A 235 13.83 0.36 -22.94
C SER A 235 14.34 1.53 -23.76
N ALA A 236 13.56 2.60 -23.81
CA ALA A 236 14.02 3.84 -24.41
C ALA A 236 14.60 4.77 -23.34
N GLY A 237 14.92 4.20 -22.18
CA GLY A 237 15.43 4.99 -21.08
C GLY A 237 14.97 4.54 -19.69
N THR A 238 15.67 5.04 -18.68
CA THR A 238 15.34 4.72 -17.31
C THR A 238 14.87 5.99 -16.59
N VAL A 239 13.90 5.79 -15.70
CA VAL A 239 13.31 6.89 -14.95
C VAL A 239 13.52 6.65 -13.46
N SER A 240 13.91 7.68 -12.75
CA SER A 240 14.20 7.60 -11.33
C SER A 240 13.33 8.55 -10.52
N ILE A 241 12.89 8.12 -9.35
CA ILE A 241 12.22 9.02 -8.43
C ILE A 241 13.22 9.42 -7.38
N PRO A 242 13.54 10.72 -7.27
CA PRO A 242 14.54 11.16 -6.30
C PRO A 242 14.17 10.77 -4.87
N MET A 243 15.17 10.27 -4.17
CA MET A 243 14.99 9.86 -2.80
C MET A 243 16.05 10.51 -1.91
N LEU A 244 15.94 10.30 -0.61
CA LEU A 244 16.78 10.99 0.36
C LEU A 244 18.21 10.57 0.11
N SER A 245 18.36 9.28 -0.15
CA SER A 245 19.64 8.64 -0.28
C SER A 245 19.48 7.66 -1.40
N SER A 246 20.55 7.33 -2.11
CA SER A 246 20.39 6.47 -3.28
C SER A 246 20.28 4.98 -2.93
N THR A 247 20.24 4.65 -1.64
CA THR A 247 20.06 3.24 -1.27
C THR A 247 18.62 2.89 -0.90
N GLU A 248 17.78 3.91 -0.80
CA GLU A 248 16.40 3.69 -0.38
C GLU A 248 15.55 3.19 -1.54
N SER A 249 14.33 2.78 -1.26
CA SER A 249 13.40 2.35 -2.29
C SER A 249 11.98 2.57 -1.80
N LEU A 250 11.06 2.81 -2.73
CA LEU A 250 9.66 2.92 -2.37
C LEU A 250 8.95 1.60 -2.69
N ASN A 251 7.92 1.30 -1.91
CA ASN A 251 6.92 0.32 -2.28
C ASN A 251 6.57 0.54 -3.78
N VAL A 252 6.36 -0.55 -4.51
CA VAL A 252 6.05 -0.46 -5.93
C VAL A 252 4.72 0.28 -6.22
N SER A 253 3.69 0.06 -5.40
CA SER A 253 2.42 0.76 -5.59
C SER A 253 2.66 2.26 -5.44
N VAL A 254 3.47 2.65 -4.47
CA VAL A 254 3.77 4.10 -4.27
C VAL A 254 4.49 4.67 -5.51
N SER A 255 5.43 3.91 -6.03
CA SER A 255 6.19 4.30 -7.22
C SER A 255 5.23 4.52 -8.35
N VAL A 256 4.26 3.61 -8.51
CA VAL A 256 3.29 3.73 -9.58
C VAL A 256 2.47 5.04 -9.48
N GLY A 257 2.04 5.39 -8.25
CA GLY A 257 1.26 6.60 -8.02
C GLY A 257 2.03 7.85 -8.46
N ILE A 258 3.27 7.93 -8.03
CA ILE A 258 4.14 9.05 -8.35
C ILE A 258 4.37 9.17 -9.86
N ALA A 259 4.71 8.05 -10.52
CA ALA A 259 5.04 8.14 -11.95
C ALA A 259 3.76 8.50 -12.72
N LEU A 260 2.62 7.89 -12.37
CA LEU A 260 1.37 8.19 -13.07
C LEU A 260 0.86 9.58 -12.72
N HIS A 261 1.18 10.05 -11.53
CA HIS A 261 0.82 11.42 -11.23
C HIS A 261 1.56 12.41 -12.20
N GLU A 262 2.80 12.13 -12.46
CA GLU A 262 3.60 12.94 -13.39
C GLU A 262 3.12 12.85 -14.84
N ARG A 263 2.45 11.74 -15.16
CA ARG A 263 1.90 11.55 -16.49
C ARG A 263 0.45 12.00 -16.61
N SER A 264 -0.12 12.54 -15.53
CA SER A 264 -1.60 12.70 -15.50
C SER A 264 -2.24 13.71 -16.47
N ALA A 265 -1.58 14.84 -16.73
CA ALA A 265 -2.11 15.77 -17.74
C ALA A 265 -2.21 15.05 -19.07
N ARG A 266 -1.14 14.35 -19.43
CA ARG A 266 -1.09 13.52 -20.63
C ARG A 266 -2.25 12.48 -20.69
N ASN A 267 -2.38 11.66 -19.66
CA ASN A 267 -3.40 10.61 -19.65
C ASN A 267 -4.84 11.15 -19.51
N PHE A 268 -5.02 12.17 -18.69
CA PHE A 268 -6.30 12.85 -18.56
C PHE A 268 -6.76 13.40 -19.93
N ALA A 269 -5.84 14.03 -20.67
CA ALA A 269 -6.16 14.47 -22.03
C ALA A 269 -6.74 13.31 -22.88
N VAL A 270 -6.05 12.17 -22.87
CA VAL A 270 -6.49 11.00 -23.61
C VAL A 270 -7.87 10.50 -23.12
N ARG A 271 -8.05 10.43 -21.80
CA ARG A 271 -9.33 9.95 -21.23
C ARG A 271 -10.48 10.86 -21.62
N ARG A 272 -10.23 12.16 -21.61
CA ARG A 272 -11.25 13.15 -21.94
C ARG A 272 -11.62 13.08 -23.41
N ALA A 273 -10.64 12.88 -24.28
CA ALA A 273 -10.99 12.82 -25.70
C ALA A 273 -11.80 11.55 -25.97
N ALA A 274 -11.43 10.45 -25.33
CA ALA A 274 -12.16 9.20 -25.51
C ALA A 274 -13.59 9.32 -25.02
N ALA A 275 -13.77 10.06 -23.94
CA ALA A 275 -15.09 10.28 -23.36
C ALA A 275 -16.01 11.03 -24.33
N GLN A 276 -15.41 11.82 -25.21
CA GLN A 276 -16.15 12.56 -26.23
C GLN A 276 -16.17 11.84 -27.59
N ALA A 277 -15.95 10.53 -27.60
CA ALA A 277 -15.87 9.79 -28.85
C ALA A 277 -16.69 8.50 -28.81
N ALA B 8 31.43 -17.08 14.20
CA ALA B 8 30.10 -17.17 14.81
C ALA B 8 29.89 -18.55 15.47
N ILE B 9 29.97 -18.58 16.80
CA ILE B 9 29.75 -19.81 17.59
C ILE B 9 28.27 -20.20 17.58
N ILE B 10 28.01 -21.49 17.85
CA ILE B 10 26.66 -22.04 17.73
C ILE B 10 25.93 -22.33 19.06
N THR B 11 24.70 -21.85 19.19
CA THR B 11 23.77 -22.37 20.19
C THR B 11 23.34 -23.74 19.66
N ASN B 12 24.26 -24.69 19.77
CA ASN B 12 24.10 -26.04 19.24
C ASN B 12 22.78 -26.64 19.66
N ALA B 13 22.38 -26.30 20.88
CA ALA B 13 21.09 -26.72 21.41
C ALA B 13 20.97 -26.26 22.85
N SER B 14 20.21 -27.02 23.64
CA SER B 14 19.88 -26.64 25.00
C SER B 14 19.47 -25.18 25.07
N ASP B 15 19.64 -24.57 26.24
CA ASP B 15 19.07 -23.26 26.49
C ASP B 15 19.94 -22.33 27.33
N PRO B 16 20.90 -21.65 26.68
CA PRO B 16 21.59 -20.50 27.28
C PRO B 16 20.53 -19.54 27.78
N ALA B 17 20.87 -18.75 28.79
CA ALA B 17 19.97 -17.70 29.23
C ALA B 17 19.43 -16.92 28.03
N VAL B 18 20.20 -16.91 26.94
CA VAL B 18 19.89 -16.08 25.78
C VAL B 18 18.75 -16.64 24.93
N GLN B 19 18.54 -17.94 25.01
CA GLN B 19 17.38 -18.56 24.37
C GLN B 19 16.14 -18.18 25.14
N ARG B 20 16.23 -18.31 26.47
CA ARG B 20 15.10 -18.01 27.32
C ARG B 20 14.71 -16.55 27.25
N ILE B 21 15.68 -15.66 27.04
CA ILE B 21 15.34 -14.23 26.90
C ILE B 21 14.64 -13.95 25.58
N ILE B 22 14.91 -14.78 24.56
CA ILE B 22 14.18 -14.63 23.28
C ILE B 22 12.73 -15.02 23.52
N ASP B 23 12.54 -16.15 24.19
CA ASP B 23 11.24 -16.55 24.69
C ASP B 23 10.53 -15.41 25.46
N VAL B 24 11.20 -14.88 26.49
CA VAL B 24 10.55 -14.01 27.46
C VAL B 24 10.11 -12.71 26.80
N THR B 25 10.80 -12.33 25.74
CA THR B 25 10.55 -11.05 25.10
C THR B 25 9.23 -11.06 24.28
N LYS B 26 8.16 -11.64 24.85
CA LYS B 26 6.83 -11.67 24.22
C LYS B 26 5.59 -11.35 25.08
N HIS B 27 5.27 -10.07 25.22
CA HIS B 27 4.00 -9.58 25.80
C HIS B 27 3.94 -9.43 27.33
N SER B 28 4.98 -9.85 28.03
CA SER B 28 5.05 -9.61 29.47
C SER B 28 6.11 -8.56 29.77
N ARG B 29 5.77 -7.62 30.64
CA ARG B 29 6.67 -6.56 31.07
C ARG B 29 8.13 -7.02 31.03
N ALA B 30 8.82 -6.58 29.99
CA ALA B 30 10.17 -6.99 29.64
C ALA B 30 10.26 -6.78 28.15
N SER B 31 9.16 -7.11 27.47
CA SER B 31 9.05 -6.83 26.05
C SER B 31 8.85 -5.34 25.85
N ILE B 32 8.59 -4.62 26.94
CA ILE B 32 8.46 -3.17 26.82
C ILE B 32 9.81 -2.56 26.40
N LYS B 33 10.88 -2.98 27.05
CA LYS B 33 12.17 -2.34 26.83
C LYS B 33 13.13 -3.10 25.92
N THR B 34 12.77 -4.34 25.57
CA THR B 34 13.52 -5.08 24.56
C THR B 34 12.60 -5.87 23.64
N THR B 35 12.95 -5.86 22.36
CA THR B 35 12.15 -6.50 21.33
C THR B 35 13.02 -7.43 20.43
N LEU B 36 12.34 -8.18 19.58
CA LEU B 36 12.91 -8.92 18.45
C LEU B 36 12.67 -8.21 17.11
N ILE B 37 13.72 -8.10 16.30
CA ILE B 37 13.64 -7.60 14.93
C ILE B 37 14.08 -8.72 13.98
N GLU B 38 13.29 -8.95 12.94
CA GLU B 38 13.52 -10.10 12.06
C GLU B 38 14.02 -9.72 10.66
N ASP B 39 14.68 -10.67 10.01
CA ASP B 39 15.17 -10.50 8.64
C ASP B 39 16.37 -9.57 8.43
N THR B 40 17.17 -9.93 7.45
CA THR B 40 18.45 -9.28 7.23
C THR B 40 18.36 -7.77 7.02
N GLU B 41 17.53 -7.34 6.09
CA GLU B 41 17.53 -5.91 5.74
C GLU B 41 16.98 -5.03 6.86
N PRO B 42 15.86 -5.44 7.48
CA PRO B 42 15.32 -4.69 8.63
C PRO B 42 16.33 -4.61 9.77
N LEU B 43 17.06 -5.70 10.02
CA LEU B 43 18.07 -5.67 11.06
C LEU B 43 19.14 -4.64 10.70
N MET B 44 19.62 -4.67 9.46
CA MET B 44 20.66 -3.71 9.08
C MET B 44 20.19 -2.26 9.17
N GLU B 45 18.93 -2.02 8.84
CA GLU B 45 18.35 -0.67 8.93
C GLU B 45 18.35 -0.19 10.38
N CYS B 46 17.87 -1.08 11.25
CA CYS B 46 17.82 -0.79 12.68
C CYS B 46 19.19 -0.43 13.25
N ILE B 47 20.20 -1.25 12.98
CA ILE B 47 21.56 -0.96 13.41
C ILE B 47 22.07 0.40 12.90
N ARG B 48 21.95 0.65 11.60
CA ARG B 48 22.30 1.98 11.08
C ARG B 48 21.59 3.11 11.80
N ALA B 49 20.34 2.85 12.21
CA ALA B 49 19.49 3.87 12.81
C ALA B 49 19.86 4.07 14.26
N GLY B 50 20.87 3.33 14.73
CA GLY B 50 21.38 3.54 16.07
C GLY B 50 20.68 2.71 17.13
N VAL B 51 19.82 1.78 16.72
CA VAL B 51 19.20 0.86 17.67
C VAL B 51 20.29 -0.04 18.29
N GLN B 52 20.27 -0.15 19.61
CA GLN B 52 21.27 -0.92 20.33
C GLN B 52 20.88 -2.40 20.42
N PHE B 53 21.62 -3.25 19.71
CA PHE B 53 21.37 -4.69 19.77
C PHE B 53 22.11 -5.38 20.90
N ILE B 54 21.43 -6.33 21.53
CA ILE B 54 22.09 -7.17 22.50
C ILE B 54 22.84 -8.28 21.76
N GLU B 55 22.16 -8.93 20.81
CA GLU B 55 22.74 -10.01 20.02
C GLU B 55 21.91 -10.36 18.77
N VAL B 56 22.58 -10.81 17.73
CA VAL B 56 21.92 -11.20 16.50
C VAL B 56 22.03 -12.71 16.25
N TYR B 57 20.95 -13.31 15.79
CA TYR B 57 20.99 -14.74 15.56
C TYR B 57 20.62 -15.19 14.14
N GLY B 58 21.26 -16.29 13.75
CA GLY B 58 20.96 -16.93 12.49
C GLY B 58 20.61 -18.37 12.76
N SER B 59 19.87 -18.99 11.86
CA SER B 59 19.64 -20.42 11.94
C SER B 59 20.86 -21.14 11.36
N SER B 60 21.38 -22.13 12.08
CA SER B 60 22.31 -23.07 11.46
C SER B 60 21.57 -23.72 10.28
N GLY B 61 22.02 -23.43 9.07
CA GLY B 61 21.24 -23.75 7.89
C GLY B 61 21.56 -22.75 6.79
N THR B 62 20.58 -21.93 6.42
CA THR B 62 20.85 -20.83 5.48
C THR B 62 21.93 -19.94 6.11
N PRO B 63 22.84 -19.37 5.29
CA PRO B 63 24.03 -18.65 5.75
C PRO B 63 23.76 -17.17 6.10
N LEU B 64 24.66 -16.54 6.83
CA LEU B 64 24.42 -15.17 7.31
C LEU B 64 25.06 -14.10 6.42
N ASP B 65 24.21 -13.22 5.87
CA ASP B 65 24.63 -12.21 4.92
C ASP B 65 25.91 -11.51 5.38
N PRO B 66 26.94 -11.53 4.51
CA PRO B 66 28.27 -10.99 4.82
C PRO B 66 28.24 -9.50 5.17
N ALA B 67 27.36 -8.76 4.51
CA ALA B 67 27.24 -7.34 4.81
C ALA B 67 26.80 -7.19 6.27
N LEU B 68 25.87 -8.04 6.68
CA LEU B 68 25.37 -8.10 8.08
C LEU B 68 26.48 -8.48 9.07
N LEU B 69 27.19 -9.55 8.75
CA LEU B 69 28.30 -9.98 9.62
C LEU B 69 29.30 -8.84 9.80
N ASP B 70 29.66 -8.19 8.70
CA ASP B 70 30.63 -7.11 8.81
C ASP B 70 30.09 -5.92 9.60
N LEU B 71 28.82 -5.60 9.38
CA LEU B 71 28.18 -4.50 10.09
C LEU B 71 28.23 -4.81 11.58
N CYS B 72 27.80 -6.02 11.93
CA CYS B 72 27.80 -6.46 13.32
C CYS B 72 29.22 -6.45 13.85
N ARG B 73 30.15 -6.91 13.02
CA ARG B 73 31.57 -6.91 13.37
C ARG B 73 32.07 -5.47 13.64
N GLN B 74 31.72 -4.54 12.76
CA GLN B 74 32.10 -3.14 12.94
C GLN B 74 31.57 -2.60 14.26
N ARG B 75 30.28 -2.82 14.50
CA ARG B 75 29.74 -2.56 15.82
C ARG B 75 30.32 -3.69 16.65
N GLU B 76 30.00 -3.76 17.93
CA GLU B 76 30.49 -4.90 18.69
C GLU B 76 29.30 -5.79 18.98
N ILE B 77 28.51 -6.10 17.95
CA ILE B 77 27.31 -6.89 18.19
C ILE B 77 27.62 -8.35 18.00
N PRO B 78 27.48 -9.15 19.07
CA PRO B 78 27.75 -10.59 18.99
C PRO B 78 26.78 -11.22 18.02
N VAL B 79 27.27 -12.17 17.25
CA VAL B 79 26.42 -12.94 16.35
C VAL B 79 26.59 -14.41 16.65
N ARG B 80 25.47 -15.10 16.91
CA ARG B 80 25.50 -16.55 17.11
C ARG B 80 24.45 -17.27 16.27
N LEU B 81 24.73 -18.52 15.94
CA LEU B 81 23.78 -19.34 15.21
C LEU B 81 23.04 -20.20 16.21
N ILE B 82 21.82 -20.55 15.86
CA ILE B 82 21.00 -21.40 16.69
C ILE B 82 20.62 -22.59 15.86
N ASP B 83 20.86 -23.77 16.39
CA ASP B 83 20.36 -24.98 15.76
C ASP B 83 18.93 -24.71 15.31
N VAL B 84 18.60 -25.14 14.10
CA VAL B 84 17.28 -24.91 13.52
C VAL B 84 16.16 -25.53 14.34
N SER B 85 16.45 -26.60 15.07
CA SER B 85 15.42 -27.23 15.89
C SER B 85 14.89 -26.24 16.95
N ILE B 86 15.79 -25.42 17.50
CA ILE B 86 15.39 -24.44 18.50
C ILE B 86 14.71 -23.21 17.87
N VAL B 87 15.23 -22.75 16.72
CA VAL B 87 14.65 -21.60 16.01
C VAL B 87 13.20 -21.88 15.69
N ASN B 88 12.94 -23.09 15.23
CA ASN B 88 11.57 -23.55 15.02
C ASN B 88 10.79 -23.23 16.29
N GLN B 89 10.03 -24.18 16.80
CA GLN B 89 9.20 -23.89 17.97
C GLN B 89 9.19 -22.39 18.30
N LEU B 90 10.11 -21.92 19.15
CA LEU B 90 10.31 -20.49 19.39
C LEU B 90 9.27 -19.63 18.66
N PHE B 91 9.49 -19.43 17.36
CA PHE B 91 8.49 -18.85 16.47
C PHE B 91 7.32 -19.82 16.29
N LYS B 92 6.35 -19.72 17.20
CA LYS B 92 5.28 -20.71 17.36
C LYS B 92 4.06 -20.49 16.49
N ALA B 93 3.00 -19.96 17.11
CA ALA B 93 1.70 -19.93 16.46
C ALA B 93 1.81 -19.36 15.07
N GLU B 94 2.95 -18.72 14.78
CA GLU B 94 3.12 -18.08 13.48
C GLU B 94 4.47 -18.26 12.76
N ARG B 95 4.89 -17.24 12.02
CA ARG B 95 5.77 -17.44 10.85
C ARG B 95 7.12 -18.15 11.03
N LYS B 96 8.18 -17.54 10.51
CA LYS B 96 9.49 -18.16 10.60
C LYS B 96 10.60 -17.21 11.01
N ALA B 97 11.28 -16.62 10.06
CA ALA B 97 12.47 -15.86 10.44
C ALA B 97 13.65 -16.79 10.63
N LYS B 98 14.66 -16.62 9.79
CA LYS B 98 15.87 -17.43 9.83
C LYS B 98 17.02 -16.58 10.36
N VAL B 99 16.82 -15.27 10.35
CA VAL B 99 17.75 -14.34 10.99
C VAL B 99 16.93 -13.32 11.77
N PHE B 100 17.44 -12.91 12.90
CA PHE B 100 16.72 -11.98 13.75
C PHE B 100 17.67 -11.54 14.85
N GLY B 101 17.30 -10.48 15.55
CA GLY B 101 18.13 -9.96 16.62
C GLY B 101 17.29 -9.64 17.83
N ILE B 102 17.91 -9.51 18.98
CA ILE B 102 17.24 -8.99 20.13
C ILE B 102 17.84 -7.63 20.37
N ALA B 103 17.02 -6.65 20.71
CA ALA B 103 17.45 -5.25 20.79
C ALA B 103 16.75 -4.47 21.90
N ARG B 104 17.46 -3.47 22.43
CA ARG B 104 16.92 -2.50 23.37
C ARG B 104 16.03 -1.55 22.59
N VAL B 105 14.81 -1.33 23.06
CA VAL B 105 13.89 -0.39 22.39
C VAL B 105 14.34 1.06 22.63
N PRO B 106 14.43 1.86 21.56
CA PRO B 106 14.79 3.26 21.80
C PRO B 106 13.74 3.93 22.66
N ARG B 107 14.15 4.84 23.52
CA ARG B 107 13.20 5.74 24.15
C ARG B 107 12.27 6.25 23.05
N PRO B 108 10.97 6.16 23.29
CA PRO B 108 9.96 6.66 22.36
C PRO B 108 10.19 8.12 21.99
N ALA B 109 10.19 8.36 20.68
CA ALA B 109 10.10 9.72 20.14
C ALA B 109 8.85 10.44 20.65
N ARG B 110 8.96 11.75 20.80
CA ARG B 110 7.79 12.58 21.03
C ARG B 110 7.70 13.69 19.99
N LEU B 111 6.64 14.47 20.07
CA LEU B 111 6.31 15.43 19.03
C LEU B 111 7.44 16.39 18.89
N ALA B 112 7.99 16.79 20.03
CA ALA B 112 9.06 17.78 20.06
C ALA B 112 10.19 17.42 19.10
N ASP B 113 10.56 16.13 19.09
CA ASP B 113 11.60 15.60 18.18
C ASP B 113 11.28 15.85 16.70
N ILE B 114 10.01 15.78 16.33
CA ILE B 114 9.63 16.03 14.96
C ILE B 114 9.85 17.50 14.62
N ALA B 115 9.46 18.37 15.53
CA ALA B 115 9.51 19.79 15.30
C ALA B 115 10.95 20.24 15.21
N GLU B 116 11.83 19.56 15.97
CA GLU B 116 13.24 19.93 16.04
C GLU B 116 13.95 19.65 14.73
N ARG B 117 13.64 18.49 14.16
CA ARG B 117 14.33 17.97 12.98
C ARG B 117 14.12 18.91 11.77
N GLY B 118 13.00 19.63 11.78
CA GLY B 118 12.63 20.46 10.64
C GLY B 118 12.05 19.67 9.47
N GLY B 119 11.32 20.35 8.59
CA GLY B 119 10.74 19.72 7.41
C GLY B 119 9.33 19.24 7.69
N ASP B 120 8.69 18.64 6.69
CA ASP B 120 7.25 18.37 6.77
C ASP B 120 6.86 17.30 7.76
N VAL B 121 5.64 17.42 8.31
CA VAL B 121 5.11 16.44 9.25
C VAL B 121 3.99 15.65 8.61
N VAL B 122 4.13 14.33 8.63
CA VAL B 122 3.08 13.49 8.10
C VAL B 122 2.16 13.15 9.26
N VAL B 123 0.87 13.42 9.13
CA VAL B 123 -0.10 13.06 10.17
C VAL B 123 -1.10 12.09 9.59
N LEU B 124 -1.20 10.90 10.18
CA LEU B 124 -2.22 9.94 9.76
C LEU B 124 -3.37 9.97 10.78
N ASP B 125 -4.60 10.13 10.27
CA ASP B 125 -5.75 10.32 11.16
C ASP B 125 -6.65 9.13 10.93
N GLY B 126 -6.54 8.16 11.82
CA GLY B 126 -7.38 6.99 11.70
C GLY B 126 -6.86 5.91 10.81
N VAL B 127 -5.59 6.00 10.42
CA VAL B 127 -5.06 4.93 9.61
C VAL B 127 -4.58 3.78 10.52
N LYS B 128 -5.16 2.60 10.32
CA LYS B 128 -5.01 1.47 11.28
C LYS B 128 -4.37 0.25 10.64
N ILE B 129 -4.55 0.11 9.34
CA ILE B 129 -4.00 -1.07 8.66
C ILE B 129 -2.48 -0.92 8.72
N VAL B 130 -1.79 -1.83 9.40
CA VAL B 130 -0.37 -1.62 9.69
C VAL B 130 0.50 -1.73 8.45
N GLY B 131 0.08 -2.54 7.50
CA GLY B 131 0.70 -2.57 6.20
C GLY B 131 0.78 -1.17 5.59
N ASN B 132 -0.33 -0.41 5.65
CA ASN B 132 -0.37 0.96 5.16
C ASN B 132 0.52 1.86 6.02
N ILE B 133 0.40 1.77 7.35
CA ILE B 133 1.26 2.58 8.23
C ILE B 133 2.71 2.31 7.91
N GLY B 134 3.05 1.03 7.82
CA GLY B 134 4.43 0.67 7.66
C GLY B 134 4.96 1.16 6.32
N ALA B 135 4.12 1.12 5.28
CA ALA B 135 4.58 1.58 3.97
C ALA B 135 4.77 3.09 3.97
N ILE B 136 3.91 3.79 4.72
CA ILE B 136 4.01 5.24 4.86
C ILE B 136 5.29 5.65 5.61
N VAL B 137 5.66 4.86 6.60
CA VAL B 137 6.88 5.16 7.34
C VAL B 137 8.10 5.15 6.38
N ARG B 138 8.16 4.16 5.48
CA ARG B 138 9.26 4.01 4.54
C ARG B 138 9.23 5.13 3.51
N THR B 139 8.05 5.42 3.01
CA THR B 139 7.86 6.53 2.07
C THR B 139 8.30 7.85 2.67
N SER B 140 7.90 8.08 3.91
CA SER B 140 8.12 9.34 4.64
C SER B 140 9.61 9.54 4.93
N LEU B 141 10.31 8.47 5.26
CA LEU B 141 11.75 8.57 5.42
C LEU B 141 12.44 8.89 4.08
N ALA B 142 12.14 8.07 3.08
CA ALA B 142 12.77 8.16 1.76
C ALA B 142 12.56 9.50 1.10
N LEU B 143 11.41 10.11 1.35
CA LEU B 143 11.07 11.38 0.70
C LEU B 143 11.37 12.61 1.56
N GLY B 144 12.01 12.39 2.71
CA GLY B 144 12.53 13.52 3.44
C GLY B 144 11.69 14.14 4.55
N ALA B 145 10.58 13.51 4.90
CA ALA B 145 9.76 14.00 6.02
C ALA B 145 10.52 14.12 7.35
N ALA B 146 10.12 15.09 8.17
CA ALA B 146 10.67 15.22 9.51
C ALA B 146 10.28 14.01 10.36
N GLY B 147 9.05 13.54 10.19
CA GLY B 147 8.49 12.55 11.10
C GLY B 147 7.01 12.34 10.85
N ILE B 148 6.44 11.42 11.62
CA ILE B 148 5.09 10.96 11.42
C ILE B 148 4.37 10.98 12.77
N VAL B 149 3.19 11.59 12.79
CA VAL B 149 2.33 11.57 13.96
C VAL B 149 1.20 10.59 13.68
N LEU B 150 1.00 9.64 14.57
CA LEU B 150 -0.04 8.66 14.32
C LEU B 150 -1.17 8.93 15.29
N VAL B 151 -2.34 9.20 14.74
CA VAL B 151 -3.53 9.49 15.55
C VAL B 151 -4.56 8.39 15.31
N ASP B 152 -5.12 7.83 16.38
CA ASP B 152 -6.18 6.85 16.20
C ASP B 152 -5.69 5.63 15.42
N SER B 153 -4.45 5.23 15.68
CA SER B 153 -3.76 4.22 14.89
C SER B 153 -4.02 2.80 15.40
N ASP B 154 -4.55 2.69 16.63
CA ASP B 154 -4.82 1.39 17.26
C ASP B 154 -3.56 0.59 17.55
N LEU B 155 -2.47 1.30 17.75
CA LEU B 155 -1.21 0.71 18.17
C LEU B 155 -0.93 1.26 19.56
N ALA B 156 -0.23 0.50 20.39
CA ALA B 156 0.08 0.94 21.74
C ALA B 156 1.46 1.53 21.74
N THR B 157 2.32 0.96 20.91
CA THR B 157 3.70 1.38 20.82
C THR B 157 4.14 1.42 19.36
N ILE B 158 4.99 2.35 18.98
CA ILE B 158 5.56 2.29 17.65
C ILE B 158 6.44 1.06 17.50
N ALA B 159 6.98 0.55 18.60
CA ALA B 159 7.76 -0.69 18.54
C ALA B 159 6.95 -1.95 18.23
N ASP B 160 5.62 -1.84 18.19
CA ASP B 160 4.75 -2.99 17.94
C ASP B 160 5.39 -3.86 16.86
N ARG B 161 5.39 -5.18 17.03
CA ARG B 161 6.11 -6.08 16.11
C ARG B 161 5.54 -6.15 14.69
N ARG B 162 4.23 -5.97 14.55
CA ARG B 162 3.58 -5.89 13.24
C ARG B 162 4.09 -4.68 12.44
N LEU B 163 4.20 -3.52 13.10
CA LEU B 163 4.70 -2.30 12.46
C LEU B 163 6.18 -2.42 12.15
N LEU B 164 6.93 -3.03 13.08
CA LEU B 164 8.34 -3.36 12.88
C LEU B 164 8.58 -4.05 11.53
N ARG B 165 7.77 -5.05 11.24
CA ARG B 165 7.87 -5.82 10.02
C ARG B 165 7.33 -5.05 8.83
N ALA B 166 6.11 -4.53 8.99
CA ALA B 166 5.48 -3.76 7.93
C ALA B 166 6.35 -2.59 7.49
N SER B 167 7.10 -2.01 8.41
CA SER B 167 7.99 -0.92 8.08
C SER B 167 9.38 -1.37 7.56
N ARG B 168 9.62 -2.67 7.50
CA ARG B 168 10.93 -3.17 7.11
C ARG B 168 12.01 -2.58 8.03
N GLY B 169 11.66 -2.33 9.27
CA GLY B 169 12.62 -1.84 10.25
C GLY B 169 12.96 -0.36 10.14
N TYR B 170 12.13 0.41 9.44
CA TYR B 170 12.34 1.85 9.31
C TYR B 170 11.65 2.68 10.40
N VAL B 171 10.84 2.02 11.22
CA VAL B 171 10.09 2.72 12.24
C VAL B 171 11.01 3.50 13.20
N PHE B 172 12.27 3.11 13.32
CA PHE B 172 13.17 3.83 14.21
C PHE B 172 14.11 4.79 13.48
N SER B 173 13.92 4.93 12.17
CA SER B 173 14.84 5.71 11.35
C SER B 173 14.50 7.19 11.27
N LEU B 174 13.29 7.55 11.68
CA LEU B 174 12.86 8.95 11.81
C LEU B 174 11.84 8.94 12.95
N PRO B 175 11.54 10.10 13.55
CA PRO B 175 10.65 10.06 14.72
C PRO B 175 9.22 9.73 14.31
N VAL B 176 8.68 8.66 14.90
CA VAL B 176 7.30 8.22 14.67
C VAL B 176 6.63 8.25 16.03
N VAL B 177 5.53 8.98 16.14
CA VAL B 177 4.95 9.32 17.45
C VAL B 177 3.46 9.07 17.50
N LEU B 178 3.01 8.35 18.53
CA LEU B 178 1.60 8.15 18.74
C LEU B 178 1.11 9.37 19.51
N ALA B 179 -0.03 9.91 19.09
CA ALA B 179 -0.65 11.04 19.81
C ALA B 179 -2.19 11.06 19.72
N ASP B 180 -2.83 11.76 20.65
CA ASP B 180 -4.28 11.97 20.56
C ASP B 180 -4.53 13.14 19.59
N ARG B 181 -5.71 13.15 18.98
CA ARG B 181 -6.04 14.16 17.97
C ARG B 181 -5.79 15.58 18.49
N GLU B 182 -6.40 15.88 19.64
CA GLU B 182 -6.30 17.21 20.20
C GLU B 182 -4.86 17.58 20.51
N GLU B 183 -4.15 16.65 21.14
CA GLU B 183 -2.72 16.82 21.39
C GLU B 183 -1.93 17.14 20.09
N ALA B 184 -2.16 16.36 19.03
CA ALA B 184 -1.54 16.64 17.74
C ALA B 184 -1.91 18.06 17.22
N VAL B 185 -3.18 18.39 17.27
CA VAL B 185 -3.60 19.71 16.77
C VAL B 185 -2.96 20.84 17.60
N SER B 186 -3.00 20.70 18.93
CA SER B 186 -2.38 21.68 19.82
C SER B 186 -0.87 21.80 19.62
N PHE B 187 -0.21 20.68 19.38
CA PHE B 187 1.21 20.70 19.08
C PHE B 187 1.53 21.48 17.81
N LEU B 188 0.83 21.19 16.72
CA LEU B 188 1.06 21.92 15.48
C LEU B 188 0.82 23.43 15.72
N ARG B 189 -0.27 23.76 16.40
CA ARG B 189 -0.61 25.18 16.63
C ARG B 189 0.52 25.99 17.28
N ASP B 190 1.12 25.47 18.35
CA ASP B 190 2.11 26.25 19.09
C ASP B 190 3.55 26.08 18.60
N ASN B 191 3.71 25.36 17.50
CA ASN B 191 5.00 25.28 16.87
C ASN B 191 4.95 26.01 15.53
N ASP B 192 3.84 26.71 15.32
CA ASP B 192 3.58 27.43 14.07
C ASP B 192 3.82 26.61 12.82
N ILE B 193 3.24 25.41 12.83
CA ILE B 193 3.28 24.53 11.67
C ILE B 193 1.87 24.50 11.15
N ALA B 194 1.61 25.14 10.02
CA ALA B 194 0.26 25.09 9.45
C ALA B 194 -0.07 23.67 8.97
N LEU B 195 -1.32 23.26 9.14
CA LEU B 195 -1.74 21.96 8.65
C LEU B 195 -2.68 22.05 7.44
N MET B 196 -2.53 21.10 6.55
CA MET B 196 -3.43 20.96 5.46
C MET B 196 -3.94 19.55 5.39
N VAL B 197 -5.17 19.39 5.00
CA VAL B 197 -5.83 18.11 4.93
C VAL B 197 -5.88 17.64 3.50
N LEU B 198 -5.54 16.36 3.30
CA LEU B 198 -5.64 15.74 1.99
C LEU B 198 -7.01 15.16 1.84
N ASP B 199 -7.74 15.60 0.82
CA ASP B 199 -9.11 15.15 0.64
C ASP B 199 -9.56 15.53 -0.76
N THR B 200 -10.61 14.90 -1.25
CA THR B 200 -11.18 15.32 -2.51
C THR B 200 -11.94 16.62 -2.33
N ASP B 201 -12.24 17.25 -3.45
CA ASP B 201 -12.95 18.54 -3.51
C ASP B 201 -12.35 19.61 -2.60
N GLY B 202 -11.02 19.73 -2.65
CA GLY B 202 -10.31 20.74 -1.86
C GLY B 202 -10.19 22.07 -2.58
N ASP B 203 -9.75 23.10 -1.87
CA ASP B 203 -9.51 24.40 -2.50
C ASP B 203 -8.13 24.44 -3.19
N LEU B 204 -7.26 23.46 -2.91
CA LEU B 204 -5.89 23.46 -3.40
C LEU B 204 -5.50 22.19 -4.13
N GLY B 205 -4.66 22.34 -5.15
CA GLY B 205 -4.13 21.19 -5.87
C GLY B 205 -2.78 20.70 -5.34
N VAL B 206 -2.66 19.38 -5.25
CA VAL B 206 -1.39 18.77 -4.83
C VAL B 206 -0.16 19.36 -5.59
N LYS B 207 -0.31 19.65 -6.89
CA LYS B 207 0.81 20.22 -7.65
C LYS B 207 1.30 21.58 -7.15
N ASP B 208 0.54 22.22 -6.27
CA ASP B 208 0.93 23.52 -5.75
C ASP B 208 1.54 23.42 -4.36
N LEU B 209 1.60 22.19 -3.86
CA LEU B 209 2.13 21.92 -2.54
C LEU B 209 3.59 22.41 -2.49
N GLY B 210 4.25 22.34 -3.64
CA GLY B 210 5.63 22.80 -3.82
C GLY B 210 5.84 24.30 -3.67
N ASP B 211 4.77 25.09 -3.85
CA ASP B 211 4.88 26.56 -3.80
C ASP B 211 5.18 27.09 -2.39
N ARG B 212 4.75 26.38 -1.36
CA ARG B 212 5.01 26.84 0.01
C ARG B 212 6.46 26.58 0.39
N ALA B 213 7.14 27.63 0.84
CA ALA B 213 8.56 27.51 1.18
C ALA B 213 8.76 26.93 2.58
N ASP B 214 7.85 27.22 3.48
CA ASP B 214 8.01 26.77 4.85
C ASP B 214 7.33 25.42 5.02
N ARG B 215 7.65 24.77 6.13
CA ARG B 215 7.23 23.41 6.35
C ARG B 215 5.75 23.42 6.68
N MET B 216 5.13 22.24 6.60
CA MET B 216 3.73 22.09 6.91
C MET B 216 3.50 20.71 7.46
N ALA B 217 2.33 20.52 8.01
CA ALA B 217 1.87 19.19 8.32
C ALA B 217 0.81 18.79 7.29
N LEU B 218 0.88 17.55 6.86
CA LEU B 218 -0.02 17.02 5.88
C LEU B 218 -0.86 15.92 6.55
N VAL B 219 -2.18 16.07 6.53
CA VAL B 219 -3.07 15.16 7.24
C VAL B 219 -3.82 14.27 6.27
N PHE B 220 -3.64 12.97 6.48
CA PHE B 220 -4.27 11.98 5.62
C PHE B 220 -5.26 11.17 6.42
N GLY B 221 -6.40 10.89 5.80
CA GLY B 221 -7.42 10.13 6.48
C GLY B 221 -7.34 8.70 6.02
N SER B 222 -8.17 7.86 6.61
CA SER B 222 -8.20 6.46 6.22
C SER B 222 -9.19 6.25 5.09
N GLU B 223 -9.57 5.00 4.89
CA GLU B 223 -10.60 4.61 3.90
C GLU B 223 -12.00 4.75 4.46
N LYS B 224 -12.12 4.77 5.78
CA LYS B 224 -13.44 4.82 6.40
C LYS B 224 -14.11 6.17 6.20
N GLY B 225 -13.32 7.22 6.06
CA GLY B 225 -13.90 8.53 5.79
C GLY B 225 -13.03 9.72 6.09
N GLY B 226 -11.92 9.83 5.37
CA GLY B 226 -11.06 11.01 5.45
C GLY B 226 -10.74 11.48 6.86
N PRO B 227 -10.19 12.70 6.99
CA PRO B 227 -9.79 13.25 8.28
C PRO B 227 -10.99 13.78 9.07
N SER B 228 -10.79 13.98 10.37
CA SER B 228 -11.90 14.28 11.27
C SER B 228 -12.03 15.77 11.57
N GLY B 229 -13.23 16.16 12.02
CA GLY B 229 -13.58 17.54 12.30
C GLY B 229 -12.51 18.41 12.94
N LEU B 230 -11.90 17.93 14.03
CA LEU B 230 -10.89 18.72 14.72
C LEU B 230 -9.75 19.15 13.78
N PHE B 231 -9.38 18.27 12.85
CA PHE B 231 -8.34 18.60 11.87
C PHE B 231 -8.90 19.59 10.87
N GLN B 232 -10.15 19.37 10.50
CA GLN B 232 -10.87 20.27 9.59
C GLN B 232 -10.87 21.71 10.13
N GLU B 233 -11.19 21.86 11.42
CA GLU B 233 -11.28 23.16 12.08
C GLU B 233 -9.93 23.90 12.08
N ALA B 234 -8.85 23.17 12.32
CA ALA B 234 -7.54 23.80 12.45
C ALA B 234 -6.86 23.99 11.09
N SER B 235 -7.42 23.34 10.07
CA SER B 235 -6.88 23.28 8.72
C SER B 235 -6.72 24.63 8.02
N ALA B 236 -5.55 24.80 7.39
CA ALA B 236 -5.24 25.95 6.55
C ALA B 236 -5.72 25.74 5.11
N GLY B 237 -6.17 24.52 4.79
CA GLY B 237 -6.76 24.27 3.49
C GLY B 237 -6.87 22.78 3.16
N THR B 238 -7.55 22.44 2.07
CA THR B 238 -7.73 21.05 1.65
C THR B 238 -7.02 20.85 0.34
N VAL B 239 -6.17 19.83 0.29
CA VAL B 239 -5.35 19.52 -0.88
C VAL B 239 -5.88 18.26 -1.56
N SER B 240 -6.18 18.37 -2.86
CA SER B 240 -6.78 17.29 -3.65
C SER B 240 -5.79 16.84 -4.73
N ILE B 241 -5.59 15.53 -4.85
CA ILE B 241 -4.92 14.96 -6.00
C ILE B 241 -5.96 14.67 -7.04
N PRO B 242 -5.77 15.22 -8.24
CA PRO B 242 -6.80 15.12 -9.30
C PRO B 242 -7.00 13.67 -9.74
N MET B 243 -8.23 13.30 -10.05
CA MET B 243 -8.50 11.94 -10.48
C MET B 243 -9.55 12.03 -11.57
N LEU B 244 -9.78 10.93 -12.27
CA LEU B 244 -10.70 10.95 -13.40
C LEU B 244 -12.08 11.31 -12.92
N SER B 245 -12.44 10.89 -11.71
CA SER B 245 -13.74 11.30 -11.15
C SER B 245 -13.77 11.34 -9.63
N SER B 246 -14.75 12.03 -9.06
CA SER B 246 -14.74 12.19 -7.61
C SER B 246 -15.32 10.99 -6.84
N THR B 247 -15.86 10.00 -7.56
CA THR B 247 -16.15 8.71 -6.93
C THR B 247 -14.87 7.90 -6.64
N GLU B 248 -13.76 8.29 -7.27
CA GLU B 248 -12.52 7.56 -7.08
C GLU B 248 -11.73 8.03 -5.86
N SER B 249 -10.86 7.17 -5.36
CA SER B 249 -9.93 7.56 -4.34
C SER B 249 -8.71 6.65 -4.47
N LEU B 250 -7.59 7.12 -3.91
CA LEU B 250 -6.37 6.35 -3.88
C LEU B 250 -6.21 5.71 -2.52
N ASN B 251 -5.53 4.56 -2.47
CA ASN B 251 -4.98 4.04 -1.24
C ASN B 251 -4.19 5.11 -0.52
N VAL B 252 -4.26 5.12 0.80
CA VAL B 252 -3.71 6.22 1.56
C VAL B 252 -2.17 6.34 1.43
N SER B 253 -1.48 5.20 1.33
CA SER B 253 -0.03 5.15 1.20
C SER B 253 0.38 5.74 -0.17
N VAL B 254 -0.36 5.44 -1.21
CA VAL B 254 -0.16 6.08 -2.51
C VAL B 254 -0.32 7.62 -2.40
N SER B 255 -1.36 8.08 -1.71
CA SER B 255 -1.61 9.49 -1.49
C SER B 255 -0.45 10.19 -0.83
N VAL B 256 0.11 9.58 0.18
CA VAL B 256 1.28 10.07 0.86
C VAL B 256 2.47 10.14 -0.09
N GLY B 257 2.67 9.16 -0.94
CA GLY B 257 3.81 9.21 -1.86
C GLY B 257 3.65 10.39 -2.81
N ILE B 258 2.46 10.57 -3.36
CA ILE B 258 2.24 11.74 -4.25
C ILE B 258 2.43 13.08 -3.53
N ALA B 259 1.81 13.26 -2.35
CA ALA B 259 1.94 14.54 -1.63
C ALA B 259 3.39 14.85 -1.25
N LEU B 260 4.08 13.88 -0.64
CA LEU B 260 5.52 14.05 -0.27
C LEU B 260 6.43 14.25 -1.48
N HIS B 261 6.12 13.60 -2.58
CA HIS B 261 6.93 13.76 -3.76
C HIS B 261 6.86 15.23 -4.22
N GLU B 262 5.66 15.82 -4.16
CA GLU B 262 5.53 17.23 -4.48
C GLU B 262 6.27 18.10 -3.47
N ARG B 263 6.39 17.65 -2.23
CA ARG B 263 7.10 18.43 -1.22
C ARG B 263 8.63 18.10 -1.14
N SER B 264 9.14 17.18 -1.97
CA SER B 264 10.44 16.61 -1.67
C SER B 264 11.55 17.60 -1.92
N ALA B 265 11.44 18.43 -2.95
CA ALA B 265 12.47 19.45 -3.18
C ALA B 265 12.62 20.23 -1.87
N ARG B 266 11.47 20.66 -1.31
CA ARG B 266 11.47 21.44 -0.07
C ARG B 266 12.09 20.65 1.12
N ASN B 267 11.65 19.41 1.31
CA ASN B 267 12.16 18.58 2.40
C ASN B 267 13.63 18.14 2.28
N PHE B 268 14.05 17.83 1.07
CA PHE B 268 15.41 17.42 0.83
C PHE B 268 16.33 18.58 1.21
N ALA B 269 15.90 19.82 0.94
CA ALA B 269 16.70 20.99 1.32
C ALA B 269 16.88 21.04 2.83
N VAL B 270 15.81 20.91 3.60
CA VAL B 270 15.94 20.81 5.05
C VAL B 270 16.83 19.63 5.49
N ARG B 271 16.65 18.47 4.87
CA ARG B 271 17.48 17.32 5.23
C ARG B 271 18.97 17.56 4.96
N ARG B 272 19.28 18.29 3.89
CA ARG B 272 20.67 18.55 3.50
C ARG B 272 21.32 19.69 4.30
N ALA B 273 20.60 20.78 4.51
CA ALA B 273 21.13 21.90 5.29
C ALA B 273 21.52 21.44 6.69
N ALA B 274 20.69 21.72 7.67
CA ALA B 274 20.95 21.22 9.02
C ALA B 274 20.71 19.70 9.09
N SAM C . 9.80 -3.24 -1.08
CA SAM C . 8.93 -2.38 -1.87
C SAM C . 7.63 -3.05 -2.28
O SAM C . 7.23 -3.02 -3.45
OXT SAM C . 6.95 -3.67 -1.46
CB SAM C . 9.70 -1.86 -3.09
CG SAM C . 11.05 -2.54 -3.31
SD SAM C . 11.60 -2.48 -5.03
CE SAM C . 13.16 -1.58 -4.88
C5' SAM C . 10.50 -1.20 -5.69
C4' SAM C . 10.11 -1.31 -7.16
O4' SAM C . 9.42 -0.12 -7.46
C3' SAM C . 11.33 -1.39 -8.10
O3' SAM C . 11.31 -2.56 -8.88
C2' SAM C . 11.21 -0.21 -9.03
O2' SAM C . 10.74 -0.61 -10.30
C1' SAM C . 10.19 0.69 -8.34
N9 SAM C . 10.86 1.75 -7.57
C8 SAM C . 11.10 1.80 -6.20
N7 SAM C . 11.74 2.96 -5.91
C5 SAM C . 11.93 3.65 -7.07
C6 SAM C . 12.54 4.88 -7.38
N6 SAM C . 13.06 5.64 -6.42
N1 SAM C . 12.57 5.32 -8.70
C2 SAM C . 12.01 4.55 -9.71
N3 SAM C . 11.42 3.33 -9.41
C4 SAM C . 11.38 2.89 -8.12
N SAM D . -9.03 2.45 0.92
CA SAM D . -7.85 3.22 0.58
C SAM D . -6.68 2.93 1.52
O SAM D . -6.24 3.77 2.28
OXT SAM D . -6.11 1.84 1.58
CB SAM D . -8.23 4.71 0.48
CG SAM D . -8.53 5.40 1.81
SD SAM D . -9.17 7.10 1.69
CE SAM D . -10.08 7.06 0.14
C5' SAM D . -7.66 7.94 1.19
C4' SAM D . -7.15 9.05 2.10
O4' SAM D . -5.92 9.47 1.52
C3' SAM D . -8.07 10.26 2.14
O3' SAM D . -8.77 10.45 3.36
C2' SAM D . -7.13 11.42 1.93
O2' SAM D . -6.65 11.78 3.20
C1' SAM D . -6.00 10.82 1.11
N9 SAM D . -6.38 10.81 -0.33
C8 SAM D . -6.76 9.71 -1.08
N7 SAM D . -7.05 10.09 -2.36
C5 SAM D . -6.87 11.42 -2.44
C6 SAM D . -7.03 12.30 -3.49
N6 SAM D . -7.43 11.87 -4.68
N1 SAM D . -6.79 13.65 -3.27
C2 SAM D . -6.38 14.10 -2.03
N3 SAM D . -6.23 13.20 -0.98
C4 SAM D . -6.46 11.88 -1.17
#